data_9FCJ
#
_entry.id   9FCJ
#
_cell.length_a   1.00
_cell.length_b   1.00
_cell.length_c   1.00
_cell.angle_alpha   90.00
_cell.angle_beta   90.00
_cell.angle_gamma   90.00
#
_symmetry.space_group_name_H-M   'P 1'
#
loop_
_entity.id
_entity.type
_entity.pdbx_description
1 polymer Polyubiquitin-C
2 polymer 'Ubiquitin carboxyl-terminal hydrolase 1'
3 non-polymer 'ZINC ION'
4 non-polymer 5-methyl-2-(2-propan-2-ylphenyl)-~{N}-[[4-(1,2,3-triazol-1-yl)phenyl]methyl]pyrimidin-4-amine
5 water water
#
loop_
_entity_poly.entity_id
_entity_poly.type
_entity_poly.pdbx_seq_one_letter_code
_entity_poly.pdbx_strand_id
1 'polypeptide(L)' GPGSMQIFVKTLTGKTITLEVEPSDTIENVKAKIQDKEGIPPDQQRLIFAGKQLEDGRTLSDYNIQKESTLHLVLRLRGG C
2 'polypeptide(L)'
;GMPGVIPSESNGLSRGSPSKKNRLSLKFFQKKETKRALDFTDSQENEEKASEYRASEIDQVVPAAQSSPINCEKRENLLP
FVGLNNLGNTSYLNSILQVLYFCPGFKSGVKHLFNIISRKKEALKDEANQKDKGNCKEDSLASYELICSLQSLIISVEQL
QASFLLNPEKYTDELATQPRRLLNTLRELNPMYEGYLQHDAQEVLQCILGNIQETCQLLKKEEVKNVAELPTKVEEIPHP
KEEMNGINSIEMDSMRHSEDFKEKLPKGNGKRKSDTEFGNMKKKVKLSKEHQSLEENQRQTRSKRKATSDTLESPPKIIP
KYISENESPRPSQKKSRVKINWLKSATKQPSILSKFCSLGKITTNQGVKGQSKENECDPEEDLGKCESDNTTNGCGLESP
GNTVTPVNVNEVKPINKGEEQIGFELVEKLFQGQLVLRTRCLECESLTERREDFQDISVPVQEDELSKVEESSEISPEPK
TEMKTLRWAISQFASVERIVGEDKYFCENCHHYTEAERSLLFDKMPEVITIHLKCFAASGLEFDCYGGGLSKINTPLLTP
LKLSLEEWSTKPTNDSYGLFAVVMHSGITISSGHYTASVKVTDLNSLELDKGNFVVDQMCEIGKPEPLNEEEARGVVENY
NDEEVSIRVGGNTQPSKVLNKKNVEAIGLLAAQKSKADYELYNKASNPDKVASTAFAENRNSETSDTTGTHESDRNKESS
DQTGINISGFENKISYVVQSLKEYEGKWLLFDDSEVKVTEEKDFLNSLSPSTSPTSTPYLLFYKKL
;
D
#
loop_
_chem_comp.id
_chem_comp.type
_chem_comp.name
_chem_comp.formula
JDA non-polymer 5-methyl-2-(2-propan-2-ylphenyl)-~{N}-[[4-(1,2,3-triazol-1-yl)phenyl]methyl]pyrimidin-4-amine 'C23 H24 N6'
ZN non-polymer 'ZINC ION' 'Zn 2'
#
# COMPACT_ATOMS: atom_id res chain seq x y z
N SER A 4 2.60 -26.97 -14.77
CA SER A 4 3.05 -26.56 -16.09
C SER A 4 4.15 -25.51 -16.00
N MET A 5 3.92 -24.50 -15.16
CA MET A 5 4.91 -23.47 -14.89
C MET A 5 5.05 -23.28 -13.39
N GLN A 6 6.20 -22.78 -12.97
CA GLN A 6 6.53 -22.62 -11.56
C GLN A 6 6.67 -21.15 -11.21
N ILE A 7 5.76 -20.65 -10.38
CA ILE A 7 5.75 -19.25 -9.98
C ILE A 7 6.21 -19.14 -8.53
N PHE A 8 6.59 -17.93 -8.15
CA PHE A 8 7.06 -17.64 -6.79
C PHE A 8 6.00 -16.88 -6.01
N VAL A 9 5.98 -17.10 -4.70
CA VAL A 9 5.09 -16.40 -3.78
C VAL A 9 5.94 -15.88 -2.62
N LYS A 10 5.86 -14.58 -2.37
CA LYS A 10 6.51 -14.00 -1.20
C LYS A 10 5.55 -14.04 -0.02
N THR A 11 5.91 -14.77 1.02
CA THR A 11 5.00 -15.02 2.13
C THR A 11 5.02 -13.86 3.12
N LEU A 12 4.41 -14.07 4.29
CA LEU A 12 4.24 -13.00 5.26
C LEU A 12 5.56 -12.55 5.86
N THR A 13 6.53 -13.46 5.95
CA THR A 13 7.83 -13.12 6.50
C THR A 13 8.84 -12.67 5.45
N GLY A 14 8.40 -12.50 4.20
CA GLY A 14 9.30 -12.16 3.12
C GLY A 14 9.95 -13.34 2.44
N LYS A 15 9.82 -14.54 3.01
CA LYS A 15 10.44 -15.72 2.41
C LYS A 15 9.65 -16.13 1.17
N THR A 16 10.38 -16.54 0.14
CA THR A 16 9.79 -16.92 -1.14
C THR A 16 9.58 -18.43 -1.19
N ILE A 17 8.36 -18.85 -1.54
CA ILE A 17 8.06 -20.24 -1.80
C ILE A 17 7.69 -20.38 -3.27
N THR A 18 7.69 -21.61 -3.75
CA THR A 18 7.40 -21.90 -5.15
C THR A 18 6.11 -22.70 -5.28
N LEU A 19 5.40 -22.44 -6.37
CA LEU A 19 4.16 -23.14 -6.70
C LEU A 19 4.22 -23.63 -8.13
N GLU A 20 3.72 -24.85 -8.35
CA GLU A 20 3.60 -25.41 -9.69
C GLU A 20 2.15 -25.29 -10.13
N VAL A 21 1.91 -24.44 -11.14
CA VAL A 21 0.57 -24.07 -11.55
C VAL A 21 0.43 -24.21 -13.06
N GLU A 22 -0.80 -24.07 -13.54
CA GLU A 22 -1.28 -24.05 -14.91
C GLU A 22 -1.73 -22.64 -15.29
N PRO A 23 -1.58 -22.24 -16.55
CA PRO A 23 -2.18 -20.98 -16.98
C PRO A 23 -3.69 -20.94 -16.83
N SER A 24 -4.34 -22.10 -16.87
CA SER A 24 -5.79 -22.18 -16.69
C SER A 24 -6.20 -22.29 -15.23
N ASP A 25 -5.25 -22.30 -14.30
CA ASP A 25 -5.59 -22.39 -12.89
C ASP A 25 -6.35 -21.15 -12.43
N THR A 26 -7.42 -21.37 -11.68
CA THR A 26 -8.16 -20.27 -11.10
C THR A 26 -7.42 -19.72 -9.88
N ILE A 27 -7.84 -18.53 -9.44
CA ILE A 27 -7.21 -17.90 -8.28
C ILE A 27 -7.48 -18.70 -7.02
N GLU A 28 -8.70 -19.24 -6.88
CA GLU A 28 -9.02 -20.05 -5.71
C GLU A 28 -8.19 -21.32 -5.67
N ASN A 29 -7.81 -21.85 -6.83
CA ASN A 29 -6.93 -23.02 -6.88
C ASN A 29 -5.55 -22.68 -6.35
N VAL A 30 -5.02 -21.51 -6.70
CA VAL A 30 -3.70 -21.10 -6.24
C VAL A 30 -3.73 -20.85 -4.73
N LYS A 31 -4.82 -20.27 -4.22
CA LYS A 31 -4.94 -20.03 -2.79
C LYS A 31 -4.98 -21.33 -2.01
N ALA A 32 -5.55 -22.38 -2.59
CA ALA A 32 -5.52 -23.69 -1.94
C ALA A 32 -4.11 -24.26 -1.94
N LYS A 33 -3.33 -23.99 -2.99
CA LYS A 33 -1.94 -24.43 -3.02
C LYS A 33 -1.09 -23.68 -2.01
N ILE A 34 -1.39 -22.40 -1.80
CA ILE A 34 -0.63 -21.61 -0.83
C ILE A 34 -0.94 -22.07 0.58
N GLN A 35 -2.20 -22.42 0.85
CA GLN A 35 -2.58 -22.89 2.19
C GLN A 35 -1.82 -24.17 2.54
N ASP A 36 -1.53 -25.01 1.55
CA ASP A 36 -0.82 -26.26 1.80
C ASP A 36 0.61 -26.00 2.28
N LYS A 37 1.22 -24.92 1.82
CA LYS A 37 2.59 -24.60 2.18
C LYS A 37 2.72 -23.57 3.30
N GLU A 38 1.70 -22.73 3.50
CA GLU A 38 1.76 -21.69 4.51
C GLU A 38 0.74 -21.87 5.64
N GLY A 39 -0.34 -22.61 5.42
CA GLY A 39 -1.33 -22.80 6.45
C GLY A 39 -2.27 -21.63 6.68
N ILE A 40 -2.52 -20.83 5.65
CA ILE A 40 -3.41 -19.68 5.75
C ILE A 40 -4.67 -19.98 4.95
N PRO A 41 -5.86 -19.86 5.54
CA PRO A 41 -7.08 -20.18 4.81
C PRO A 41 -7.24 -19.29 3.60
N PRO A 42 -7.78 -19.83 2.50
CA PRO A 42 -7.91 -19.02 1.27
C PRO A 42 -8.77 -17.77 1.43
N ASP A 43 -9.75 -17.79 2.33
CA ASP A 43 -10.59 -16.63 2.53
C ASP A 43 -9.84 -15.48 3.18
N GLN A 44 -8.74 -15.76 3.87
CA GLN A 44 -7.95 -14.74 4.53
C GLN A 44 -6.75 -14.28 3.71
N GLN A 45 -6.60 -14.80 2.50
CA GLN A 45 -5.44 -14.51 1.66
C GLN A 45 -5.76 -13.40 0.67
N ARG A 46 -4.79 -12.50 0.48
CA ARG A 46 -4.82 -11.54 -0.62
C ARG A 46 -3.54 -11.72 -1.44
N LEU A 47 -3.69 -11.87 -2.75
CA LEU A 47 -2.58 -12.06 -3.66
C LEU A 47 -2.46 -10.85 -4.57
N ILE A 48 -1.26 -10.28 -4.65
CA ILE A 48 -1.00 -9.09 -5.46
C ILE A 48 0.01 -9.47 -6.52
N PHE A 49 -0.33 -9.21 -7.79
CA PHE A 49 0.57 -9.39 -8.90
C PHE A 49 0.66 -8.10 -9.70
N ALA A 50 1.86 -7.56 -9.81
CA ALA A 50 2.12 -6.34 -10.59
C ALA A 50 1.23 -5.18 -10.13
N GLY A 51 1.00 -5.09 -8.82
CA GLY A 51 0.21 -4.02 -8.25
C GLY A 51 -1.28 -4.21 -8.27
N LYS A 52 -1.78 -5.32 -8.82
CA LYS A 52 -3.20 -5.60 -8.89
C LYS A 52 -3.54 -6.82 -8.06
N GLN A 53 -4.58 -6.72 -7.24
CA GLN A 53 -5.04 -7.85 -6.45
C GLN A 53 -5.73 -8.86 -7.36
N LEU A 54 -5.45 -10.13 -7.13
CA LEU A 54 -6.04 -11.20 -7.94
C LEU A 54 -7.42 -11.55 -7.38
N GLU A 55 -8.45 -11.41 -8.20
CA GLU A 55 -9.82 -11.67 -7.75
C GLU A 55 -10.21 -13.11 -8.03
N ASP A 56 -10.98 -13.69 -7.11
CA ASP A 56 -11.42 -15.07 -7.23
C ASP A 56 -12.35 -15.24 -8.42
N GLY A 57 -12.30 -16.42 -9.04
CA GLY A 57 -13.07 -16.71 -10.22
C GLY A 57 -12.35 -16.48 -11.53
N ARG A 58 -11.34 -15.63 -11.55
CA ARG A 58 -10.51 -15.44 -12.72
C ARG A 58 -9.42 -16.51 -12.77
N THR A 59 -8.73 -16.59 -13.89
CA THR A 59 -7.64 -17.53 -14.08
C THR A 59 -6.32 -16.79 -14.14
N LEU A 60 -5.22 -17.54 -14.06
CA LEU A 60 -3.90 -16.95 -14.13
C LEU A 60 -3.63 -16.33 -15.50
N SER A 61 -4.22 -16.92 -16.55
CA SER A 61 -4.02 -16.39 -17.89
C SER A 61 -4.66 -15.01 -18.04
N ASP A 62 -5.70 -14.74 -17.25
CA ASP A 62 -6.35 -13.43 -17.32
C ASP A 62 -5.42 -12.31 -16.87
N TYR A 63 -4.49 -12.61 -15.97
CA TYR A 63 -3.55 -11.63 -15.46
C TYR A 63 -2.19 -11.68 -16.14
N ASN A 64 -2.05 -12.48 -17.20
CA ASN A 64 -0.78 -12.64 -17.92
C ASN A 64 0.33 -13.10 -16.99
N ILE A 65 0.01 -14.03 -16.09
CA ILE A 65 0.98 -14.56 -15.15
C ILE A 65 1.78 -15.65 -15.85
N GLN A 66 3.09 -15.45 -15.94
CA GLN A 66 4.02 -16.32 -16.64
C GLN A 66 4.84 -17.11 -15.64
N LYS A 67 5.85 -17.82 -16.14
CA LYS A 67 6.61 -18.76 -15.32
C LYS A 67 7.20 -18.12 -14.07
N GLU A 68 8.13 -17.17 -14.23
CA GLU A 68 8.83 -16.65 -13.05
C GLU A 68 8.08 -15.48 -12.42
N SER A 69 6.78 -15.42 -12.63
CA SER A 69 5.97 -14.36 -12.02
C SER A 69 5.95 -14.53 -10.50
N THR A 70 5.93 -13.40 -9.80
CA THR A 70 5.96 -13.37 -8.34
C THR A 70 4.64 -12.82 -7.82
N LEU A 71 3.97 -13.61 -6.98
CA LEU A 71 2.80 -13.13 -6.26
C LEU A 71 3.19 -12.74 -4.83
N HIS A 72 2.58 -11.68 -4.34
CA HIS A 72 2.82 -11.20 -2.98
C HIS A 72 1.62 -11.53 -2.12
N LEU A 73 1.86 -12.21 -1.00
CA LEU A 73 0.81 -12.67 -0.12
C LEU A 73 0.70 -11.75 1.09
N VAL A 74 -0.48 -11.16 1.27
CA VAL A 74 -0.78 -10.31 2.41
C VAL A 74 -2.12 -10.72 2.99
N LEU A 75 -2.35 -10.31 4.24
CA LEU A 75 -3.61 -10.56 4.92
C LEU A 75 -4.44 -9.27 4.93
N ARG A 76 -5.60 -9.33 5.57
CA ARG A 76 -6.47 -8.18 5.73
C ARG A 76 -6.42 -7.71 7.17
N LEU A 77 -6.04 -6.46 7.37
CA LEU A 77 -6.03 -5.83 8.69
C LEU A 77 -7.27 -4.95 8.77
N ARG A 78 -8.36 -5.53 9.27
CA ARG A 78 -9.65 -4.88 9.24
C ARG A 78 -9.75 -3.79 10.31
N GLY A 79 -10.47 -2.72 9.99
CA GLY A 79 -10.60 -1.60 10.90
C GLY A 79 -11.83 -0.78 10.57
N GLY A 80 -12.33 -0.08 11.58
CA GLY A 80 -13.51 0.74 11.43
C GLY A 80 -13.87 1.51 12.68
N VAL B 82 -19.89 15.41 18.74
CA VAL B 82 -20.73 16.07 17.76
C VAL B 82 -21.44 15.05 16.87
N GLY B 83 -22.17 15.54 15.87
CA GLY B 83 -22.87 14.63 14.97
C GLY B 83 -21.97 13.95 13.98
N LEU B 84 -20.69 14.35 13.95
CA LEU B 84 -19.72 13.72 13.04
C LEU B 84 -19.19 12.40 13.59
N ASN B 85 -19.77 11.90 14.68
CA ASN B 85 -19.29 10.69 15.34
C ASN B 85 -19.36 9.47 14.42
N ASN B 86 -20.22 9.54 13.40
CA ASN B 86 -20.39 8.43 12.46
C ASN B 86 -19.18 8.28 11.54
N LEU B 87 -18.27 9.24 11.58
CA LEU B 87 -17.05 9.20 10.77
C LEU B 87 -16.22 7.96 11.08
N GLY B 88 -16.26 7.51 12.32
CA GLY B 88 -15.45 6.39 12.76
C GLY B 88 -15.69 5.10 12.02
N ASN B 89 -16.91 4.90 11.51
CA ASN B 89 -17.27 3.63 10.89
C ASN B 89 -16.44 3.36 9.64
N THR B 90 -16.16 4.41 8.86
CA THR B 90 -15.36 4.30 7.64
C THR B 90 -13.92 4.75 7.86
N SER B 91 -13.33 4.46 9.03
CA SER B 91 -11.98 4.92 9.31
C SER B 91 -10.96 4.31 8.37
N TYR B 92 -11.28 3.18 7.75
CA TYR B 92 -10.40 2.62 6.73
C TYR B 92 -10.36 3.52 5.50
N LEU B 93 -11.52 4.07 5.12
CA LEU B 93 -11.57 4.97 3.97
C LEU B 93 -11.05 6.35 4.33
N ASN B 94 -11.35 6.83 5.54
CA ASN B 94 -10.96 8.19 5.93
C ASN B 94 -9.44 8.33 5.95
N SER B 95 -8.73 7.33 6.45
CA SER B 95 -7.28 7.40 6.53
C SER B 95 -6.66 7.49 5.13
N ILE B 96 -7.21 6.74 4.18
CA ILE B 96 -6.68 6.74 2.82
C ILE B 96 -6.97 8.07 2.13
N LEU B 97 -8.17 8.61 2.34
CA LEU B 97 -8.52 9.88 1.71
C LEU B 97 -7.80 11.05 2.36
N GLN B 98 -7.44 10.94 3.64
CA GLN B 98 -6.63 11.97 4.27
C GLN B 98 -5.20 11.96 3.72
N VAL B 99 -4.68 10.78 3.42
CA VAL B 99 -3.34 10.68 2.84
C VAL B 99 -3.35 11.20 1.41
N LEU B 100 -4.35 10.80 0.62
CA LEU B 100 -4.41 11.22 -0.78
C LEU B 100 -4.63 12.72 -0.90
N TYR B 101 -5.31 13.35 0.06
CA TYR B 101 -5.53 14.79 0.00
C TYR B 101 -4.23 15.55 0.15
N PHE B 102 -3.29 15.04 0.95
CA PHE B 102 -2.02 15.69 1.18
C PHE B 102 -0.89 15.12 0.32
N CYS B 103 -1.18 14.22 -0.61
CA CYS B 103 -0.17 13.80 -1.57
C CYS B 103 0.13 14.96 -2.51
N PRO B 104 1.38 15.12 -2.95
CA PRO B 104 1.70 16.24 -3.85
C PRO B 104 1.29 15.93 -5.28
N GLY B 105 0.28 16.66 -5.76
CA GLY B 105 -0.20 16.53 -7.11
C GLY B 105 -1.42 15.66 -7.29
N PHE B 106 -1.91 15.01 -6.23
CA PHE B 106 -3.09 14.17 -6.38
C PHE B 106 -4.34 14.99 -6.60
N LYS B 107 -4.55 16.05 -5.80
CA LYS B 107 -5.76 16.83 -5.94
C LYS B 107 -5.71 17.73 -7.17
N SER B 108 -4.51 18.05 -7.65
CA SER B 108 -4.40 18.72 -8.95
C SER B 108 -4.74 17.78 -10.08
N GLY B 109 -4.34 16.51 -9.97
CA GLY B 109 -4.69 15.54 -10.99
C GLY B 109 -6.17 15.23 -11.03
N VAL B 110 -6.82 15.24 -9.87
CA VAL B 110 -8.26 14.99 -9.81
C VAL B 110 -9.03 16.15 -10.44
N LYS B 111 -8.59 17.38 -10.18
CA LYS B 111 -9.24 18.54 -10.78
C LYS B 111 -9.09 18.53 -12.29
N HIS B 112 -7.92 18.16 -12.79
CA HIS B 112 -7.69 18.10 -14.23
C HIS B 112 -8.61 17.08 -14.89
N LEU B 113 -8.77 15.91 -14.25
CA LEU B 113 -9.69 14.92 -14.78
C LEU B 113 -11.13 15.39 -14.66
N PHE B 114 -11.46 16.10 -13.57
CA PHE B 114 -12.81 16.61 -13.41
C PHE B 114 -13.15 17.63 -14.48
N ASN B 115 -12.20 18.50 -14.82
CA ASN B 115 -12.44 19.47 -15.88
C ASN B 115 -12.68 18.79 -17.22
N ILE B 116 -11.91 17.74 -17.53
CA ILE B 116 -12.07 17.03 -18.78
C ILE B 116 -13.45 16.38 -18.86
N ILE B 117 -13.87 15.73 -17.77
CA ILE B 117 -15.14 15.03 -17.75
C ILE B 117 -16.30 16.01 -17.85
N SER B 118 -16.17 17.20 -17.26
CA SER B 118 -17.25 18.16 -17.26
C SER B 118 -17.64 18.57 -18.68
N ARG B 119 -16.67 18.95 -19.50
CA ARG B 119 -16.98 19.30 -20.88
C ARG B 119 -17.12 18.08 -21.78
N LYS B 120 -16.80 16.88 -21.28
CA LYS B 120 -17.08 15.68 -22.05
C LYS B 120 -18.58 15.50 -22.25
N LYS B 121 -19.38 15.83 -21.24
CA LYS B 121 -20.83 15.74 -21.33
C LYS B 121 -21.38 16.80 -22.29
N TYR B 144 -17.16 7.72 -14.14
CA TYR B 144 -16.99 9.16 -13.94
C TYR B 144 -17.50 9.63 -12.59
N GLU B 145 -18.20 8.77 -11.84
CA GLU B 145 -18.75 9.17 -10.55
C GLU B 145 -17.65 9.26 -9.50
N LEU B 146 -16.61 8.43 -9.62
CA LEU B 146 -15.49 8.48 -8.69
C LEU B 146 -14.77 9.81 -8.77
N ILE B 147 -14.58 10.32 -9.98
CA ILE B 147 -13.93 11.62 -10.13
C ILE B 147 -14.85 12.73 -9.62
N CYS B 148 -16.13 12.63 -9.93
CA CYS B 148 -17.09 13.66 -9.52
C CYS B 148 -17.22 13.75 -8.01
N SER B 149 -17.29 12.58 -7.34
CA SER B 149 -17.44 12.59 -5.89
C SER B 149 -16.12 12.94 -5.20
N LEU B 150 -14.99 12.60 -5.82
CA LEU B 150 -13.70 13.00 -5.26
C LEU B 150 -13.53 14.51 -5.29
N GLN B 151 -13.93 15.15 -6.38
CA GLN B 151 -13.83 16.61 -6.47
C GLN B 151 -14.77 17.28 -5.49
N SER B 152 -15.95 16.72 -5.27
CA SER B 152 -16.86 17.24 -4.26
C SER B 152 -16.26 17.11 -2.87
N LEU B 153 -15.59 15.99 -2.59
CA LEU B 153 -14.93 15.82 -1.31
C LEU B 153 -13.80 16.82 -1.14
N ILE B 154 -12.99 17.01 -2.19
CA ILE B 154 -11.85 17.91 -2.10
C ILE B 154 -12.31 19.34 -1.83
N ILE B 155 -13.40 19.76 -2.47
CA ILE B 155 -13.92 21.11 -2.25
C ILE B 155 -14.49 21.21 -0.85
N SER B 156 -15.15 20.16 -0.37
CA SER B 156 -15.67 20.17 1.00
C SER B 156 -14.55 20.29 2.02
N VAL B 157 -13.48 19.53 1.84
CA VAL B 157 -12.34 19.60 2.75
C VAL B 157 -11.62 20.93 2.60
N GLU B 158 -11.55 21.44 1.38
CA GLU B 158 -10.91 22.74 1.15
C GLU B 158 -11.62 23.85 1.91
N GLN B 159 -12.95 23.83 1.91
CA GLN B 159 -13.70 24.80 2.69
C GLN B 159 -13.45 24.64 4.18
N LEU B 160 -13.42 23.39 4.66
CA LEU B 160 -13.12 23.13 6.07
C LEU B 160 -11.70 23.55 6.42
N GLN B 161 -10.74 23.21 5.55
CA GLN B 161 -9.35 23.55 5.83
C GLN B 161 -9.14 25.06 5.85
N ALA B 162 -9.78 25.78 4.93
CA ALA B 162 -9.65 27.23 4.90
C ALA B 162 -10.24 27.85 6.16
N SER B 163 -11.41 27.37 6.60
CA SER B 163 -12.02 27.87 7.81
C SER B 163 -11.16 27.55 9.03
N PHE B 164 -10.60 26.35 9.08
CA PHE B 164 -9.74 25.96 10.18
C PHE B 164 -8.54 26.90 10.29
N LEU B 165 -8.01 27.33 9.15
CA LEU B 165 -6.84 28.21 9.17
C LEU B 165 -7.21 29.62 9.66
N LEU B 166 -8.32 30.16 9.16
CA LEU B 166 -8.64 31.57 9.38
C LEU B 166 -9.37 31.80 10.69
N ASN B 167 -10.48 31.11 10.93
CA ASN B 167 -11.30 31.33 12.13
C ASN B 167 -11.56 29.98 12.79
N PRO B 168 -10.66 29.56 13.69
CA PRO B 168 -10.87 28.28 14.38
C PRO B 168 -12.17 28.20 15.15
N GLU B 169 -12.64 29.31 15.73
CA GLU B 169 -13.89 29.31 16.46
C GLU B 169 -15.06 28.93 15.55
N LYS B 170 -15.10 29.48 14.34
CA LYS B 170 -16.16 29.15 13.42
C LYS B 170 -15.87 27.87 12.63
N TYR B 171 -14.67 27.32 12.78
CA TYR B 171 -14.40 26.01 12.18
C TYR B 171 -15.22 24.93 12.87
N THR B 172 -15.27 24.95 14.19
CA THR B 172 -16.08 23.99 14.93
C THR B 172 -17.55 24.13 14.59
N ASP B 173 -18.02 25.37 14.41
CA ASP B 173 -19.40 25.59 14.02
C ASP B 173 -19.67 25.08 12.60
N GLU B 174 -18.80 25.42 11.66
CA GLU B 174 -19.00 24.99 10.28
C GLU B 174 -18.83 23.48 10.12
N LEU B 175 -17.93 22.90 10.93
CA LEU B 175 -17.78 21.45 10.89
C LEU B 175 -19.05 20.74 11.33
N ALA B 176 -19.77 21.34 12.28
CA ALA B 176 -21.06 20.82 12.72
C ALA B 176 -22.25 21.45 12.01
N THR B 177 -22.02 22.50 11.20
CA THR B 177 -23.12 23.14 10.50
C THR B 177 -23.78 22.20 9.49
N GLN B 178 -22.97 21.59 8.63
CA GLN B 178 -23.46 20.60 7.66
C GLN B 178 -22.55 19.38 7.67
N PRO B 179 -22.67 18.54 8.71
CA PRO B 179 -21.92 17.28 8.69
C PRO B 179 -22.55 16.23 7.80
N ARG B 180 -23.87 16.33 7.56
CA ARG B 180 -24.56 15.35 6.72
C ARG B 180 -24.06 15.41 5.28
N ARG B 181 -23.76 16.62 4.80
CA ARG B 181 -23.23 16.77 3.45
C ARG B 181 -21.90 16.03 3.29
N LEU B 182 -21.02 16.17 4.28
CA LEU B 182 -19.73 15.48 4.22
C LEU B 182 -19.89 13.97 4.26
N LEU B 183 -20.80 13.49 5.11
CA LEU B 183 -20.96 12.05 5.27
C LEU B 183 -21.60 11.40 4.03
N ASN B 184 -22.38 12.16 3.28
CA ASN B 184 -23.01 11.59 2.09
C ASN B 184 -21.99 11.31 0.99
N THR B 185 -21.02 12.20 0.81
CA THR B 185 -20.04 11.99 -0.26
C THR B 185 -19.08 10.87 0.09
N LEU B 186 -18.93 10.55 1.38
CA LEU B 186 -18.09 9.43 1.77
C LEU B 186 -18.78 8.10 1.52
N ARG B 187 -20.12 8.08 1.61
CA ARG B 187 -20.86 6.85 1.31
C ARG B 187 -20.83 6.55 -0.18
N GLU B 188 -20.89 7.60 -1.01
CA GLU B 188 -20.77 7.40 -2.46
C GLU B 188 -19.33 7.09 -2.86
N LEU B 189 -18.35 7.60 -2.11
CA LEU B 189 -16.96 7.46 -2.51
C LEU B 189 -16.37 6.15 -2.03
N ASN B 190 -17.07 5.44 -1.15
CA ASN B 190 -16.53 4.20 -0.59
C ASN B 190 -16.44 3.14 -1.68
N PRO B 191 -15.24 2.60 -1.95
CA PRO B 191 -15.11 1.61 -3.01
C PRO B 191 -15.41 0.19 -2.55
N MET B 192 -15.49 -0.02 -1.24
CA MET B 192 -15.72 -1.36 -0.71
C MET B 192 -17.18 -1.76 -0.85
N LEU B 197 -19.24 -3.45 7.23
CA LEU B 197 -18.14 -4.22 7.80
C LEU B 197 -16.93 -3.34 8.07
N GLN B 198 -15.87 -3.97 8.58
CA GLN B 198 -14.57 -3.34 8.75
C GLN B 198 -13.63 -3.87 7.68
N HIS B 199 -12.85 -2.97 7.09
CA HIS B 199 -12.10 -3.30 5.89
C HIS B 199 -10.63 -2.94 6.11
N ASP B 200 -9.81 -3.28 5.12
CA ASP B 200 -8.39 -3.02 5.13
C ASP B 200 -8.10 -1.69 4.45
N ALA B 201 -7.26 -0.87 5.07
CA ALA B 201 -6.95 0.44 4.50
C ALA B 201 -6.17 0.32 3.20
N GLN B 202 -5.23 -0.63 3.13
CA GLN B 202 -4.45 -0.80 1.91
C GLN B 202 -5.32 -1.30 0.77
N GLU B 203 -6.30 -2.15 1.06
CA GLU B 203 -7.21 -2.63 0.03
C GLU B 203 -8.08 -1.51 -0.51
N VAL B 204 -8.50 -0.59 0.36
CA VAL B 204 -9.28 0.56 -0.08
C VAL B 204 -8.45 1.45 -0.98
N LEU B 205 -7.19 1.69 -0.61
CA LEU B 205 -6.31 2.49 -1.44
C LEU B 205 -6.11 1.86 -2.81
N GLN B 206 -5.98 0.53 -2.83
CA GLN B 206 -5.81 -0.18 -4.10
C GLN B 206 -7.05 -0.04 -4.98
N CYS B 207 -8.24 -0.06 -4.37
CA CYS B 207 -9.47 0.08 -5.15
C CYS B 207 -9.61 1.49 -5.73
N ILE B 208 -9.35 2.51 -4.92
CA ILE B 208 -9.50 3.89 -5.38
C ILE B 208 -8.52 4.18 -6.50
N LEU B 209 -7.25 3.79 -6.31
CA LEU B 209 -6.23 4.07 -7.32
C LEU B 209 -6.48 3.28 -8.60
N GLY B 210 -7.00 2.07 -8.48
CA GLY B 210 -7.36 1.32 -9.68
C GLY B 210 -8.52 1.93 -10.43
N ASN B 211 -9.51 2.44 -9.71
CA ASN B 211 -10.67 3.08 -10.35
C ASN B 211 -10.24 4.33 -11.11
N ILE B 212 -9.37 5.15 -10.52
CA ILE B 212 -8.89 6.36 -11.20
C ILE B 212 -8.09 5.98 -12.44
N GLN B 213 -7.29 4.92 -12.34
CA GLN B 213 -6.47 4.49 -13.47
C GLN B 213 -7.35 4.06 -14.64
N GLU B 214 -8.42 3.30 -14.37
CA GLU B 214 -9.32 2.86 -15.44
C GLU B 214 -10.01 4.03 -16.10
N THR B 215 -10.41 5.03 -15.31
CA THR B 215 -11.02 6.23 -15.88
C THR B 215 -10.04 6.95 -16.82
N CYS B 216 -8.78 7.05 -16.42
CA CYS B 216 -7.79 7.71 -17.26
C CYS B 216 -7.56 6.96 -18.56
N GLN B 217 -7.45 5.64 -18.50
CA GLN B 217 -7.24 4.85 -19.70
C GLN B 217 -8.42 4.94 -20.65
N LEU B 218 -9.64 4.88 -20.11
CA LEU B 218 -10.83 4.98 -20.95
C LEU B 218 -10.97 6.39 -21.51
N LEU B 219 -10.65 7.41 -20.71
CA LEU B 219 -10.70 8.78 -21.20
C LEU B 219 -9.68 9.02 -22.30
N LYS B 220 -8.52 8.38 -22.21
CA LYS B 220 -7.49 8.57 -23.23
C LYS B 220 -7.96 8.07 -24.60
N LYS B 221 -8.63 6.93 -24.63
CA LYS B 221 -9.15 6.36 -25.88
C LYS B 221 -10.46 7.01 -26.27
N GLY B 423 -1.39 14.50 -18.29
CA GLY B 423 -2.49 14.69 -17.35
C GLY B 423 -3.31 13.43 -17.14
N PHE B 424 -3.33 12.57 -18.15
CA PHE B 424 -4.06 11.31 -18.10
C PHE B 424 -3.26 10.20 -17.42
N GLU B 425 -2.09 10.52 -16.87
CA GLU B 425 -1.21 9.54 -16.24
C GLU B 425 -1.05 9.83 -14.76
N LEU B 426 -2.14 10.18 -14.09
CA LEU B 426 -2.06 10.60 -12.69
C LEU B 426 -1.55 9.47 -11.80
N VAL B 427 -2.13 8.28 -11.92
CA VAL B 427 -1.77 7.18 -11.03
C VAL B 427 -0.37 6.67 -11.36
N GLU B 428 -0.04 6.54 -12.65
CA GLU B 428 1.24 5.97 -13.04
C GLU B 428 2.41 6.85 -12.58
N LYS B 429 2.31 8.17 -12.78
CA LYS B 429 3.40 9.04 -12.40
C LYS B 429 3.56 9.13 -10.89
N LEU B 430 2.46 8.97 -10.15
CA LEU B 430 2.50 9.21 -8.72
C LEU B 430 2.81 7.95 -7.92
N PHE B 431 2.17 6.83 -8.26
CA PHE B 431 2.23 5.65 -7.41
C PHE B 431 2.82 4.42 -8.05
N GLN B 432 3.07 4.41 -9.35
CA GLN B 432 3.46 3.19 -10.05
C GLN B 432 4.96 3.21 -10.34
N GLY B 433 5.65 2.15 -9.91
CA GLY B 433 7.04 1.94 -10.20
C GLY B 433 7.25 0.65 -10.98
N GLN B 434 8.52 0.33 -11.20
CA GLN B 434 8.90 -0.85 -11.96
C GLN B 434 10.00 -1.61 -11.22
N LEU B 435 9.84 -2.93 -11.15
CA LEU B 435 10.79 -3.80 -10.48
C LEU B 435 11.50 -4.68 -11.49
N VAL B 436 12.76 -5.00 -11.20
CA VAL B 436 13.50 -6.00 -11.96
C VAL B 436 13.83 -7.15 -11.02
N LEU B 437 13.25 -8.32 -11.29
CA LEU B 437 13.44 -9.50 -10.46
C LEU B 437 14.42 -10.43 -11.15
N ARG B 438 15.53 -10.71 -10.47
CA ARG B 438 16.58 -11.56 -11.02
C ARG B 438 16.61 -12.90 -10.30
N THR B 439 16.78 -13.98 -11.06
CA THR B 439 16.99 -15.31 -10.51
C THR B 439 18.32 -15.84 -11.04
N ARG B 440 19.12 -16.39 -10.15
CA ARG B 440 20.43 -16.93 -10.49
C ARG B 440 20.49 -18.38 -10.05
N CYS B 441 20.54 -19.31 -11.01
CA CYS B 441 20.66 -20.72 -10.70
C CYS B 441 22.05 -21.00 -10.13
N LEU B 442 22.10 -21.71 -9.00
CA LEU B 442 23.39 -21.97 -8.37
C LEU B 442 24.15 -23.11 -9.02
N GLU B 443 23.56 -23.80 -9.99
CA GLU B 443 24.27 -24.84 -10.71
C GLU B 443 24.99 -24.28 -11.93
N CYS B 444 24.25 -23.59 -12.80
CA CYS B 444 24.82 -23.06 -14.04
C CYS B 444 25.14 -21.58 -13.97
N GLU B 445 24.65 -20.88 -12.96
CA GLU B 445 24.89 -19.44 -12.77
C GLU B 445 24.38 -18.61 -13.95
N SER B 446 23.24 -18.99 -14.52
CA SER B 446 22.59 -18.20 -15.55
C SER B 446 21.56 -17.27 -14.90
N LEU B 447 21.45 -16.07 -15.45
CA LEU B 447 20.57 -15.04 -14.92
C LEU B 447 19.32 -14.92 -15.78
N THR B 448 18.16 -14.94 -15.12
CA THR B 448 16.89 -14.69 -15.77
C THR B 448 16.22 -13.51 -15.08
N GLU B 449 15.66 -12.60 -15.87
CA GLU B 449 15.09 -11.36 -15.35
C GLU B 449 13.60 -11.28 -15.67
N ARG B 450 12.86 -10.68 -14.75
CA ARG B 450 11.46 -10.36 -14.94
C ARG B 450 11.22 -8.90 -14.58
N ARG B 451 10.39 -8.23 -15.38
CA ARG B 451 10.01 -6.85 -15.12
C ARG B 451 8.54 -6.82 -14.70
N GLU B 452 8.28 -6.23 -13.53
CA GLU B 452 6.93 -6.15 -13.00
C GLU B 452 6.69 -4.76 -12.42
N ASP B 453 5.51 -4.22 -12.68
CA ASP B 453 5.11 -2.97 -12.06
C ASP B 453 4.81 -3.19 -10.58
N PHE B 454 4.86 -2.11 -9.82
CA PHE B 454 4.43 -2.14 -8.43
C PHE B 454 3.87 -0.76 -8.06
N GLN B 455 2.88 -0.78 -7.17
CA GLN B 455 2.34 0.46 -6.61
C GLN B 455 2.70 0.65 -5.14
N ASP B 456 3.14 -0.40 -4.45
CA ASP B 456 3.50 -0.33 -3.06
C ASP B 456 4.39 -1.52 -2.72
N ILE B 457 5.19 -1.36 -1.67
CA ILE B 457 6.21 -2.33 -1.31
C ILE B 457 5.76 -3.01 -0.03
N SER B 458 5.60 -4.33 -0.09
CA SER B 458 5.19 -5.12 1.08
C SER B 458 6.43 -5.70 1.75
N VAL B 459 6.71 -5.26 2.96
CA VAL B 459 7.90 -5.70 3.69
C VAL B 459 7.48 -6.38 4.98
N PRO B 460 8.25 -7.34 5.48
CA PRO B 460 7.95 -7.92 6.80
C PRO B 460 8.39 -6.99 7.92
N VAL B 461 7.84 -7.23 9.10
CA VAL B 461 8.17 -6.43 10.28
C VAL B 461 8.89 -7.22 11.35
N GLN B 462 8.94 -8.55 11.26
CA GLN B 462 9.64 -9.37 12.22
C GLN B 462 10.34 -10.52 11.50
N GLU B 463 11.37 -11.06 12.14
CA GLU B 463 12.17 -12.13 11.55
C GLU B 463 11.59 -13.49 11.93
N ASP B 464 11.36 -14.33 10.92
CA ASP B 464 10.90 -15.70 11.15
C ASP B 464 11.09 -16.54 9.90
N MET B 483 15.51 -4.47 18.25
CA MET B 483 14.68 -3.60 17.41
C MET B 483 15.18 -3.61 15.96
N LYS B 484 14.24 -3.70 15.04
CA LYS B 484 14.55 -3.74 13.61
C LYS B 484 14.16 -2.43 12.96
N THR B 485 14.88 -2.08 11.89
CA THR B 485 14.66 -0.84 11.17
C THR B 485 13.91 -1.10 9.87
N LEU B 486 13.54 -0.01 9.20
CA LEU B 486 12.92 -0.13 7.89
C LEU B 486 13.92 -0.66 6.87
N ARG B 487 15.19 -0.32 7.03
CA ARG B 487 16.22 -0.78 6.10
C ARG B 487 16.37 -2.30 6.16
N TRP B 488 16.24 -2.88 7.35
CA TRP B 488 16.23 -4.34 7.45
C TRP B 488 15.03 -4.93 6.74
N ALA B 489 13.86 -4.30 6.87
CA ALA B 489 12.65 -4.82 6.25
C ALA B 489 12.74 -4.80 4.73
N ILE B 490 13.29 -3.72 4.16
CA ILE B 490 13.45 -3.64 2.71
C ILE B 490 14.50 -4.65 2.25
N SER B 491 15.54 -4.88 3.05
CA SER B 491 16.53 -5.91 2.71
C SER B 491 15.87 -7.28 2.63
N GLN B 492 14.97 -7.58 3.57
CA GLN B 492 14.20 -8.82 3.49
C GLN B 492 13.37 -8.86 2.21
N PHE B 493 13.04 -7.69 1.67
CA PHE B 493 12.23 -7.62 0.46
C PHE B 493 13.09 -7.74 -0.79
N ALA B 494 14.22 -7.02 -0.84
CA ALA B 494 14.96 -6.84 -2.08
C ALA B 494 16.38 -7.41 -2.08
N SER B 495 16.94 -7.77 -0.94
CA SER B 495 18.28 -8.34 -0.96
C SER B 495 18.26 -9.76 -1.50
N VAL B 496 19.45 -10.27 -1.80
CA VAL B 496 19.57 -11.59 -2.41
C VAL B 496 19.07 -12.64 -1.43
N GLU B 497 18.07 -13.41 -1.85
CA GLU B 497 17.50 -14.50 -1.07
C GLU B 497 17.81 -15.82 -1.76
N ARG B 498 18.19 -16.82 -0.99
CA ARG B 498 18.53 -18.13 -1.52
C ARG B 498 17.36 -19.08 -1.28
N ILE B 499 16.76 -19.58 -2.36
CA ILE B 499 15.60 -20.46 -2.29
C ILE B 499 16.07 -21.91 -2.44
N VAL B 500 15.85 -22.71 -1.40
CA VAL B 500 16.42 -24.04 -1.32
C VAL B 500 15.37 -25.04 -0.83
N GLY B 501 15.74 -26.31 -0.79
CA GLY B 501 14.90 -27.31 -0.14
C GLY B 501 13.63 -27.58 -0.91
N GLU B 502 12.49 -27.31 -0.25
CA GLU B 502 11.20 -27.54 -0.87
C GLU B 502 10.84 -26.48 -1.90
N ASP B 503 11.61 -25.39 -1.96
CA ASP B 503 11.36 -24.29 -2.88
C ASP B 503 12.49 -24.15 -3.88
N LYS B 504 12.98 -25.28 -4.39
CA LYS B 504 14.04 -25.23 -5.38
C LYS B 504 13.53 -24.67 -6.70
N TYR B 505 14.33 -23.81 -7.31
CA TYR B 505 14.02 -23.25 -8.61
C TYR B 505 14.21 -24.32 -9.69
N PHE B 506 13.33 -24.30 -10.69
CA PHE B 506 13.44 -25.18 -11.84
C PHE B 506 14.13 -24.42 -12.96
N CYS B 507 15.38 -24.77 -13.24
CA CYS B 507 16.17 -24.08 -14.25
C CYS B 507 15.89 -24.71 -15.61
N GLU B 508 15.47 -23.90 -16.57
CA GLU B 508 15.24 -24.40 -17.92
C GLU B 508 16.55 -24.77 -18.60
N ASN B 509 17.63 -24.05 -18.29
CA ASN B 509 18.94 -24.40 -18.82
C ASN B 509 19.41 -25.76 -18.32
N CYS B 510 19.25 -26.04 -17.03
CA CYS B 510 19.65 -27.32 -16.48
C CYS B 510 18.59 -28.41 -16.68
N HIS B 511 17.34 -28.01 -16.97
CA HIS B 511 16.22 -28.94 -17.04
C HIS B 511 16.10 -29.74 -15.75
N HIS B 512 16.32 -29.06 -14.63
CA HIS B 512 16.45 -29.72 -13.34
C HIS B 512 16.03 -28.75 -12.25
N TYR B 513 15.71 -29.29 -11.08
CA TYR B 513 15.47 -28.46 -9.90
C TYR B 513 16.79 -28.11 -9.23
N THR B 514 17.07 -26.82 -9.12
CA THR B 514 18.33 -26.35 -8.57
C THR B 514 18.06 -25.26 -7.54
N GLU B 515 19.01 -25.08 -6.63
CA GLU B 515 18.97 -23.94 -5.74
C GLU B 515 19.26 -22.67 -6.52
N ALA B 516 18.63 -21.58 -6.09
CA ALA B 516 18.78 -20.32 -6.82
C ALA B 516 18.77 -19.15 -5.85
N GLU B 517 19.27 -18.02 -6.33
CA GLU B 517 19.28 -16.76 -5.60
C GLU B 517 18.37 -15.76 -6.30
N ARG B 518 17.44 -15.18 -5.55
CA ARG B 518 16.52 -14.18 -6.08
C ARG B 518 16.80 -12.83 -5.44
N SER B 519 16.80 -11.78 -6.27
CA SER B 519 16.99 -10.42 -5.80
C SER B 519 16.09 -9.49 -6.59
N LEU B 520 15.63 -8.44 -5.93
CA LEU B 520 14.74 -7.45 -6.51
C LEU B 520 15.44 -6.10 -6.57
N LEU B 521 15.26 -5.39 -7.68
CA LEU B 521 15.86 -4.08 -7.86
C LEU B 521 14.81 -3.10 -8.35
N PHE B 522 14.98 -1.83 -8.00
CA PHE B 522 14.07 -0.77 -8.41
C PHE B 522 14.60 -0.11 -9.68
N ASP B 523 13.81 -0.13 -10.76
CA ASP B 523 14.22 0.49 -12.01
C ASP B 523 13.58 1.86 -12.21
N LYS B 524 12.25 1.92 -12.24
CA LYS B 524 11.52 3.18 -12.39
C LYS B 524 10.86 3.54 -11.07
N MET B 525 10.96 4.81 -10.69
CA MET B 525 10.64 5.25 -9.34
C MET B 525 9.41 6.14 -9.38
N PRO B 526 8.34 5.83 -8.64
CA PRO B 526 7.19 6.73 -8.58
C PRO B 526 7.49 7.94 -7.70
N GLU B 527 6.63 8.95 -7.84
CA GLU B 527 6.76 10.13 -7.00
C GLU B 527 6.54 9.80 -5.53
N VAL B 528 5.57 8.93 -5.24
CA VAL B 528 5.23 8.55 -3.88
C VAL B 528 5.56 7.08 -3.69
N ILE B 529 6.32 6.77 -2.65
CA ILE B 529 6.67 5.41 -2.28
C ILE B 529 5.80 4.99 -1.12
N THR B 530 5.07 3.88 -1.29
CA THR B 530 4.18 3.35 -0.28
C THR B 530 4.78 2.06 0.27
N ILE B 531 4.97 2.00 1.58
CA ILE B 531 5.49 0.82 2.25
C ILE B 531 4.33 0.15 2.98
N HIS B 532 4.01 -1.08 2.60
CA HIS B 532 2.96 -1.86 3.23
C HIS B 532 3.62 -2.77 4.26
N LEU B 533 3.46 -2.46 5.53
CA LEU B 533 4.07 -3.23 6.61
C LEU B 533 3.20 -4.44 6.92
N LYS B 534 3.77 -5.62 6.83
CA LYS B 534 3.04 -6.85 7.12
C LYS B 534 3.00 -7.09 8.62
N CYS B 535 2.28 -6.23 9.35
CA CYS B 535 2.18 -6.37 10.80
C CYS B 535 1.16 -7.44 11.17
N PHE B 536 1.40 -8.67 10.69
CA PHE B 536 0.53 -9.80 10.94
C PHE B 536 1.31 -11.07 10.62
N ALA B 537 0.97 -12.14 11.34
CA ALA B 537 1.73 -13.38 11.30
C ALA B 537 0.79 -14.58 11.31
N ALA B 538 1.35 -15.74 10.97
CA ALA B 538 0.62 -17.00 11.00
C ALA B 538 1.46 -18.04 11.72
N SER B 539 0.79 -18.93 12.46
CA SER B 539 1.47 -20.01 13.17
C SER B 539 1.82 -21.14 12.22
N GLY B 549 -5.42 -18.84 13.67
CA GLY B 549 -3.98 -18.94 13.83
C GLY B 549 -3.24 -17.69 13.42
N LEU B 550 -3.98 -16.73 12.87
CA LEU B 550 -3.43 -15.46 12.43
C LEU B 550 -3.43 -14.46 13.59
N SER B 551 -2.31 -13.77 13.76
CA SER B 551 -2.15 -12.85 14.86
C SER B 551 -1.58 -11.53 14.35
N LYS B 552 -1.79 -10.47 15.13
CA LYS B 552 -1.26 -9.17 14.80
C LYS B 552 0.04 -8.92 15.57
N ILE B 553 1.04 -8.40 14.86
CA ILE B 553 2.32 -8.04 15.46
C ILE B 553 2.26 -6.57 15.86
N ASN B 554 2.37 -6.31 17.17
CA ASN B 554 2.23 -4.95 17.66
C ASN B 554 3.55 -4.18 17.69
N THR B 555 4.67 -4.86 17.55
CA THR B 555 5.97 -4.18 17.61
C THR B 555 6.27 -3.52 16.27
N PRO B 556 6.47 -2.21 16.23
CA PRO B 556 6.79 -1.55 14.96
C PRO B 556 8.28 -1.52 14.70
N LEU B 557 8.62 -1.17 13.45
CA LEU B 557 10.01 -1.00 13.05
C LEU B 557 10.48 0.41 13.38
N LEU B 558 11.79 0.61 13.26
CA LEU B 558 12.37 1.94 13.41
C LEU B 558 12.21 2.72 12.11
N THR B 559 11.14 3.51 12.01
CA THR B 559 10.81 4.25 10.80
C THR B 559 11.67 5.48 10.66
N PRO B 560 12.39 5.65 9.56
CA PRO B 560 13.17 6.87 9.37
C PRO B 560 12.39 7.96 8.65
N LEU B 561 12.84 9.19 8.88
CA LEU B 561 12.28 10.33 8.13
C LEU B 561 12.82 10.40 6.72
N LYS B 562 14.04 9.91 6.51
CA LYS B 562 14.69 9.92 5.21
C LYS B 562 14.85 8.49 4.72
N LEU B 563 14.53 8.25 3.46
CA LEU B 563 14.64 6.91 2.89
C LEU B 563 15.37 6.99 1.55
N SER B 564 16.39 6.15 1.40
CA SER B 564 17.14 6.05 0.16
C SER B 564 17.11 4.60 -0.31
N LEU B 565 16.78 4.40 -1.57
CA LEU B 565 16.66 3.06 -2.15
C LEU B 565 17.84 2.72 -3.05
N GLU B 566 18.96 3.44 -2.93
CA GLU B 566 20.11 3.19 -3.78
C GLU B 566 20.68 1.79 -3.55
N GLU B 567 20.51 1.25 -2.34
CA GLU B 567 21.03 -0.07 -2.04
C GLU B 567 20.39 -1.16 -2.89
N TRP B 568 19.17 -0.94 -3.36
CA TRP B 568 18.45 -1.94 -4.15
C TRP B 568 17.97 -1.36 -5.48
N SER B 569 18.74 -0.45 -6.05
CA SER B 569 18.36 0.19 -7.31
C SER B 569 19.26 -0.28 -8.44
N THR B 570 18.72 -0.32 -9.65
CA THR B 570 19.50 -0.78 -10.80
C THR B 570 20.60 0.20 -11.15
N LYS B 571 20.36 1.49 -10.98
CA LYS B 571 21.33 2.53 -11.32
C LYS B 571 21.58 3.40 -10.10
N PRO B 572 22.75 4.03 -10.02
CA PRO B 572 23.00 4.97 -8.90
C PRO B 572 22.11 6.19 -9.02
N THR B 573 21.38 6.48 -7.95
CA THR B 573 20.47 7.61 -7.91
C THR B 573 20.72 8.42 -6.64
N ASN B 574 20.81 9.74 -6.79
CA ASN B 574 20.93 10.62 -5.65
C ASN B 574 19.58 11.02 -5.06
N ASP B 575 18.48 10.62 -5.70
CA ASP B 575 17.15 10.96 -5.19
C ASP B 575 16.89 10.24 -3.88
N SER B 576 16.39 10.99 -2.90
CA SER B 576 16.02 10.43 -1.60
C SER B 576 14.55 10.75 -1.35
N TYR B 577 13.98 10.08 -0.37
CA TYR B 577 12.56 10.17 -0.08
C TYR B 577 12.35 10.58 1.37
N GLY B 578 11.32 11.38 1.60
CA GLY B 578 10.97 11.86 2.93
C GLY B 578 9.57 11.41 3.32
N LEU B 579 9.45 10.97 4.57
CA LEU B 579 8.17 10.51 5.09
C LEU B 579 7.19 11.68 5.21
N PHE B 580 5.98 11.50 4.70
CA PHE B 580 4.95 12.53 4.80
C PHE B 580 3.59 12.03 5.27
N ALA B 581 3.34 10.73 5.27
CA ALA B 581 2.05 10.22 5.72
C ALA B 581 2.24 8.83 6.32
N VAL B 582 1.53 8.60 7.43
CA VAL B 582 1.55 7.31 8.12
C VAL B 582 0.11 6.92 8.44
N VAL B 583 -0.27 5.69 8.12
CA VAL B 583 -1.56 5.13 8.48
C VAL B 583 -1.34 4.03 9.51
N MET B 584 -1.96 4.16 10.67
CA MET B 584 -1.77 3.23 11.77
C MET B 584 -3.07 2.50 12.08
N HIS B 585 -2.93 1.30 12.63
CA HIS B 585 -4.07 0.46 13.01
C HIS B 585 -4.00 0.17 14.50
N SER B 586 -5.08 0.48 15.21
CA SER B 586 -5.18 0.20 16.63
C SER B 586 -6.10 -0.99 16.85
N GLY B 587 -5.62 -1.96 17.62
CA GLY B 587 -6.37 -3.17 17.91
C GLY B 587 -5.41 -4.29 18.24
N ILE B 588 -5.91 -5.28 18.97
CA ILE B 588 -5.06 -6.42 19.33
C ILE B 588 -5.20 -7.56 18.33
N THR B 589 -6.18 -7.50 17.44
CA THR B 589 -6.42 -8.54 16.46
C THR B 589 -6.41 -7.95 15.06
N ILE B 590 -6.30 -8.82 14.06
CA ILE B 590 -6.37 -8.38 12.67
C ILE B 590 -7.80 -8.31 12.14
N SER B 591 -8.77 -8.86 12.86
CA SER B 591 -10.13 -8.93 12.36
C SER B 591 -10.96 -7.69 12.70
N SER B 592 -10.44 -6.79 13.53
CA SER B 592 -11.14 -5.56 13.86
C SER B 592 -10.16 -4.55 14.42
N GLY B 593 -10.55 -3.28 14.39
CA GLY B 593 -9.70 -2.25 14.94
C GLY B 593 -10.13 -0.88 14.43
N HIS B 594 -9.21 0.08 14.57
CA HIS B 594 -9.44 1.46 14.18
C HIS B 594 -8.23 1.97 13.40
N TYR B 595 -8.49 2.70 12.33
CA TYR B 595 -7.45 3.28 11.50
C TYR B 595 -7.32 4.77 11.78
N THR B 596 -6.08 5.23 11.96
CA THR B 596 -5.79 6.64 12.08
C THR B 596 -4.69 7.01 11.10
N ALA B 597 -4.69 8.25 10.65
CA ALA B 597 -3.74 8.73 9.66
C ALA B 597 -3.01 9.96 10.19
N SER B 598 -1.69 9.96 10.04
CA SER B 598 -0.86 11.11 10.37
C SER B 598 -0.23 11.62 9.08
N VAL B 599 -0.43 12.90 8.78
CA VAL B 599 0.08 13.49 7.55
C VAL B 599 0.91 14.70 7.90
N LYS B 600 1.80 15.08 6.99
CA LYS B 600 2.71 16.20 7.19
C LYS B 600 2.29 17.36 6.29
N VAL B 601 2.30 18.57 6.86
CA VAL B 601 1.97 19.76 6.09
C VAL B 601 3.20 20.24 5.34
N THR B 602 3.07 20.41 4.04
CA THR B 602 4.19 20.87 3.21
C THR B 602 3.80 22.12 2.42
N LYS B 742 3.64 28.95 6.14
CA LYS B 742 3.05 29.38 7.39
C LYS B 742 3.67 28.64 8.58
N GLU B 743 3.04 28.77 9.75
CA GLU B 743 3.52 28.07 10.94
C GLU B 743 3.26 26.57 10.83
N TYR B 744 2.14 26.20 10.22
CA TYR B 744 1.77 24.78 10.15
C TYR B 744 2.72 23.98 9.26
N GLU B 745 3.43 24.64 8.35
CA GLU B 745 4.34 23.93 7.47
C GLU B 745 5.49 23.33 8.27
N GLY B 746 5.65 22.01 8.16
CA GLY B 746 6.61 21.29 8.95
C GLY B 746 6.03 20.56 10.15
N LYS B 747 4.74 20.70 10.41
CA LYS B 747 4.08 19.98 11.49
C LYS B 747 3.42 18.71 10.96
N TRP B 748 2.95 17.88 11.89
CA TRP B 748 2.23 16.67 11.56
C TRP B 748 0.81 16.76 12.08
N LEU B 749 -0.16 16.45 11.21
CA LEU B 749 -1.57 16.46 11.56
C LEU B 749 -2.03 15.04 11.89
N LEU B 750 -2.53 14.85 13.10
CA LEU B 750 -3.04 13.56 13.54
C LEU B 750 -4.55 13.57 13.41
N PHE B 751 -5.08 12.71 12.55
CA PHE B 751 -6.51 12.63 12.30
C PHE B 751 -7.09 11.48 13.11
N ASP B 752 -8.02 11.79 14.01
CA ASP B 752 -8.70 10.79 14.82
C ASP B 752 -10.20 11.05 14.69
N ASP B 753 -10.85 10.34 13.79
CA ASP B 753 -12.27 10.51 13.52
C ASP B 753 -12.59 11.97 13.21
N SER B 754 -13.29 12.64 14.13
CA SER B 754 -13.66 14.03 13.95
C SER B 754 -12.65 15.00 14.55
N GLU B 755 -11.54 14.51 15.09
CA GLU B 755 -10.55 15.34 15.79
C GLU B 755 -9.28 15.45 14.96
N VAL B 756 -8.71 16.65 14.94
CA VAL B 756 -7.44 16.93 14.29
C VAL B 756 -6.52 17.59 15.30
N LYS B 757 -5.29 17.09 15.41
CA LYS B 757 -4.29 17.65 16.30
C LYS B 757 -3.03 17.98 15.51
N VAL B 758 -2.52 19.18 15.70
CA VAL B 758 -1.25 19.58 15.10
C VAL B 758 -0.11 19.15 16.04
N THR B 759 0.92 18.56 15.47
CA THR B 759 1.99 17.98 16.26
C THR B 759 3.34 18.40 15.67
N GLU B 760 4.33 18.52 16.54
CA GLU B 760 5.70 18.76 16.12
C GLU B 760 6.28 17.49 15.51
N GLU B 761 7.22 17.68 14.57
CA GLU B 761 7.88 16.53 13.95
C GLU B 761 8.68 15.74 14.97
N LYS B 762 9.31 16.43 15.92
CA LYS B 762 10.06 15.74 16.97
C LYS B 762 9.14 14.89 17.84
N ASP B 763 7.97 15.43 18.18
CA ASP B 763 7.07 14.70 19.08
C ASP B 763 6.42 13.51 18.37
N PHE B 764 6.05 13.67 17.09
CA PHE B 764 5.43 12.58 16.36
C PHE B 764 6.38 11.40 16.22
N LEU B 765 7.65 11.68 15.92
CA LEU B 765 8.61 10.60 15.67
C LEU B 765 8.88 9.81 16.94
N ASN B 766 8.86 10.48 18.10
CA ASN B 766 9.03 9.78 19.36
C ASN B 766 7.87 8.81 19.58
N SER B 767 6.65 9.22 19.24
CA SER B 767 5.49 8.35 19.39
C SER B 767 5.56 7.13 18.48
N LEU B 768 6.29 7.21 17.37
CA LEU B 768 6.46 6.06 16.48
C LEU B 768 7.48 5.06 17.00
N SER B 769 8.27 5.43 18.00
CA SER B 769 9.37 4.59 18.44
C SER B 769 8.85 3.28 19.02
N PRO B 770 9.39 2.13 18.61
CA PRO B 770 8.98 0.87 19.24
C PRO B 770 9.33 0.79 20.72
N SER B 771 10.30 1.59 21.17
CA SER B 771 10.67 1.63 22.58
C SER B 771 9.55 2.16 23.47
N THR B 772 8.61 2.93 22.92
CA THR B 772 7.49 3.45 23.68
C THR B 772 6.26 2.56 23.65
N SER B 773 6.33 1.44 22.93
CA SER B 773 5.21 0.51 22.79
C SER B 773 3.92 1.21 22.36
N PRO B 774 3.88 1.75 21.13
CA PRO B 774 2.68 2.46 20.68
C PRO B 774 1.48 1.53 20.56
N THR B 775 0.30 2.05 20.90
CA THR B 775 -0.92 1.27 20.70
C THR B 775 -1.36 1.30 19.25
N SER B 776 -1.06 2.38 18.53
CA SER B 776 -1.33 2.45 17.09
C SER B 776 -0.14 1.85 16.35
N THR B 777 -0.39 0.76 15.64
CA THR B 777 0.68 0.08 14.91
C THR B 777 0.78 0.65 13.50
N PRO B 778 1.94 1.18 13.10
CA PRO B 778 2.08 1.68 11.73
C PRO B 778 1.82 0.57 10.72
N TYR B 779 1.01 0.90 9.73
CA TYR B 779 0.59 -0.06 8.71
C TYR B 779 0.98 0.35 7.31
N LEU B 780 0.87 1.63 6.98
CA LEU B 780 1.28 2.14 5.68
C LEU B 780 2.15 3.37 5.88
N LEU B 781 3.30 3.38 5.22
CA LEU B 781 4.20 4.52 5.22
C LEU B 781 4.29 5.08 3.81
N PHE B 782 4.25 6.41 3.72
CA PHE B 782 4.28 7.10 2.42
C PHE B 782 5.49 8.02 2.37
N TYR B 783 6.28 7.89 1.32
CA TYR B 783 7.49 8.67 1.12
C TYR B 783 7.39 9.37 -0.23
N LYS B 784 7.63 10.67 -0.26
CA LYS B 784 7.59 11.44 -1.50
C LYS B 784 9.01 11.79 -1.92
N LYS B 785 9.23 11.81 -3.23
CA LYS B 785 10.56 12.12 -3.76
C LYS B 785 10.93 13.56 -3.46
N LEU B 786 12.17 13.78 -3.07
CA LEU B 786 12.64 15.11 -2.73
C LEU B 786 13.34 15.77 -3.91
ZN ZN C . 20.77 -23.89 -14.05
N JDA D . -10.89 14.23 8.12
C JDA D . -11.95 16.22 11.15
C1 JDA D . -11.45 15.89 9.77
C10 JDA D . -7.78 20.90 9.44
C11 JDA D . -9.07 20.40 9.37
C12 JDA D . -4.89 21.67 9.47
C13 JDA D . -3.72 22.15 8.95
C14 JDA D . -10.19 14.89 5.91
C15 JDA D . -9.01 15.46 5.44
C16 JDA D . -8.55 15.18 4.16
C17 JDA D . -9.27 14.36 3.34
C18 JDA D . -10.44 13.79 3.77
C19 JDA D . -10.92 14.04 5.05
C2 JDA D . -11.28 14.58 9.34
C20 JDA D . -12.23 13.41 5.48
C21 JDA D . -13.43 14.22 5.02
C22 JDA D . -12.35 11.97 5.01
C3 JDA D . -10.64 15.25 7.27
C4 JDA D . -11.16 16.87 8.80
C5 JDA D . -10.96 19.24 8.17
C6 JDA D . -9.53 19.73 8.25
C7 JDA D . -8.66 19.55 7.18
C8 JDA D . -7.36 20.04 7.23
C9 JDA D . -6.92 20.72 8.36
N1 JDA D . -10.76 16.56 7.56
N2 JDA D . -11.24 18.17 9.12
N3 JDA D . -5.61 21.27 8.39
N4 JDA D . -3.76 22.02 7.60
N5 JDA D . -4.92 21.49 7.24
#